data_4IGQ
#
_entry.id   4IGQ
#
_cell.length_a   91.425
_cell.length_b   91.425
_cell.length_c   75.834
_cell.angle_alpha   90.00
_cell.angle_beta   90.00
_cell.angle_gamma   120.00
#
_symmetry.space_group_name_H-M   'P 63'
#
loop_
_entity.id
_entity.type
_entity.pdbx_description
1 polymer 'Os05g0196500 protein'
2 polymer 'mathylated H3K4 substrate'
3 non-polymer 'FE (III) ION'
4 non-polymer N-OXALYLGLYCINE
5 water water
#
loop_
_entity_poly.entity_id
_entity_poly.type
_entity_poly.pdbx_seq_one_letter_code
_entity_poly.pdbx_strand_id
1 'polypeptide(L)'
;AKWNPAGARRPVLDEAPVFYPTEEEFEDTLKYIESIRPMAEPYGICRIVPPSSWKPPCLLKDKSIWEGSKFSTRVQKVDK
LQNRKSSKKGRRGGMMKRRKLAESEENSATAHTQTGMQQSPERFGFEPGPEFTLQTFQKYADDFSKQYFRKDTSMDSVPS
VEDIEGEYWRIVEVPTEEIEVIYGADLETGTFGSGFPKLSPETKSDAEDKYAQSGWNLNNLPRLQGSVLSFEGGDISGVL
VPWVYVGMCFSSFCWHVEDHHLYSLNYMHWGAPKLWYGVPGKDAVNLESAMRKHLPELFEEQPDLLHNLVTQFSPSLLKS
EGVHVYRCVQHEGEFVLTFPRAYHAGFNCGFNCAEAVNVA
;
A
2 'polypeptide(L)' T(M3L)Q B
#
# COMPACT_ATOMS: atom_id res chain seq x y z
N ALA A 1 17.86 -9.20 -10.79
CA ALA A 1 17.83 -10.57 -11.29
C ALA A 1 17.40 -11.54 -10.19
N LYS A 2 18.11 -11.56 -9.06
CA LYS A 2 17.69 -12.44 -7.96
C LYS A 2 17.98 -12.06 -6.49
N TRP A 3 17.14 -12.62 -5.62
CA TRP A 3 17.23 -12.65 -4.16
C TRP A 3 18.60 -12.80 -3.46
N ASN A 4 18.88 -11.95 -2.48
CA ASN A 4 20.02 -12.13 -1.57
C ASN A 4 19.60 -12.23 -0.07
N PRO A 5 19.29 -13.44 0.42
CA PRO A 5 18.71 -13.60 1.76
C PRO A 5 19.54 -13.00 2.89
N ALA A 6 20.86 -13.12 2.81
CA ALA A 6 21.72 -12.63 3.87
C ALA A 6 21.83 -11.09 3.83
N GLY A 7 21.46 -10.48 2.71
CA GLY A 7 21.47 -9.04 2.58
C GLY A 7 20.18 -8.35 3.02
N ALA A 8 19.23 -9.13 3.53
CA ALA A 8 17.94 -8.60 3.99
C ALA A 8 18.04 -7.38 4.93
N ARG A 9 17.19 -6.39 4.68
CA ARG A 9 17.12 -5.17 5.51
C ARG A 9 15.71 -4.93 5.99
N ARG A 10 15.15 -5.93 6.65
CA ARG A 10 13.80 -5.84 7.15
C ARG A 10 13.70 -4.86 8.32
N PRO A 11 12.77 -3.90 8.24
CA PRO A 11 12.56 -2.93 9.29
C PRO A 11 12.11 -3.62 10.58
N VAL A 12 12.60 -3.12 11.72
CA VAL A 12 12.17 -3.63 13.01
C VAL A 12 11.18 -2.63 13.60
N LEU A 13 9.90 -2.96 13.49
CA LEU A 13 8.82 -2.02 13.78
C LEU A 13 7.77 -2.59 14.73
N ASP A 14 7.03 -1.70 15.37
CA ASP A 14 5.82 -2.12 16.09
C ASP A 14 4.68 -2.37 15.11
N GLU A 15 3.83 -3.33 15.46
CA GLU A 15 2.68 -3.69 14.65
C GLU A 15 1.54 -2.67 14.90
N ALA A 16 0.86 -2.27 13.83
CA ALA A 16 -0.35 -1.48 13.93
C ALA A 16 -1.48 -2.27 14.59
N PRO A 17 -2.48 -1.60 15.18
CA PRO A 17 -3.55 -2.40 15.80
C PRO A 17 -4.42 -3.17 14.80
N VAL A 18 -4.88 -4.34 15.22
CA VAL A 18 -5.75 -5.19 14.42
C VAL A 18 -7.10 -5.29 15.11
N PHE A 19 -8.18 -5.19 14.34
CA PHE A 19 -9.52 -5.19 14.92
C PHE A 19 -10.33 -6.35 14.35
N TYR A 20 -11.04 -7.02 15.26
CA TYR A 20 -11.88 -8.15 14.88
C TYR A 20 -13.34 -7.88 15.28
N PRO A 21 -14.04 -7.01 14.52
CA PRO A 21 -15.43 -6.68 14.83
C PRO A 21 -16.33 -7.92 14.86
N THR A 22 -17.41 -7.82 15.63
CA THR A 22 -18.46 -8.84 15.64
C THR A 22 -19.44 -8.50 14.53
N GLU A 23 -20.33 -9.44 14.21
CA GLU A 23 -21.39 -9.22 13.22
C GLU A 23 -22.27 -8.00 13.52
N GLU A 24 -22.51 -7.75 14.81
CA GLU A 24 -23.28 -6.58 15.25
C GLU A 24 -22.53 -5.27 15.02
N GLU A 25 -21.30 -5.19 15.49
CA GLU A 25 -20.44 -4.03 15.24
C GLU A 25 -20.29 -3.81 13.73
N PHE A 26 -20.17 -4.90 12.99
CA PHE A 26 -19.91 -4.86 11.56
C PHE A 26 -21.12 -4.38 10.76
N GLU A 27 -22.31 -4.47 11.33
CA GLU A 27 -23.50 -4.10 10.57
C GLU A 27 -23.56 -2.61 10.24
N ASP A 28 -22.78 -1.79 10.94
CA ASP A 28 -22.72 -0.36 10.63
C ASP A 28 -21.29 0.14 10.44
N THR A 29 -20.87 0.18 9.19
CA THR A 29 -19.52 0.58 8.85
C THR A 29 -19.13 1.90 9.50
N LEU A 30 -19.84 2.96 9.16
CA LEU A 30 -19.49 4.29 9.69
C LEU A 30 -19.45 4.33 11.21
N LYS A 31 -20.38 3.64 11.87
CA LYS A 31 -20.44 3.59 13.32
C LYS A 31 -19.27 2.82 13.94
N TYR A 32 -18.90 1.71 13.29
CA TYR A 32 -17.80 0.89 13.81
C TYR A 32 -16.49 1.67 13.75
N ILE A 33 -16.23 2.28 12.60
CA ILE A 33 -15.03 3.07 12.44
C ILE A 33 -14.94 4.11 13.54
N GLU A 34 -16.07 4.74 13.82
CA GLU A 34 -16.13 5.82 14.79
C GLU A 34 -15.70 5.33 16.17
N SER A 35 -16.15 4.12 16.50
CA SER A 35 -15.90 3.52 17.80
C SER A 35 -14.45 3.09 18.06
N ILE A 36 -13.72 2.69 17.03
CA ILE A 36 -12.34 2.25 17.21
C ILE A 36 -11.37 3.40 17.05
N ARG A 37 -11.89 4.54 16.60
CA ARG A 37 -11.04 5.68 16.28
C ARG A 37 -10.15 6.09 17.45
N PRO A 38 -10.71 6.22 18.65
CA PRO A 38 -9.89 6.60 19.80
C PRO A 38 -8.68 5.69 19.98
N MET A 39 -8.89 4.39 19.82
CA MET A 39 -7.82 3.41 20.00
C MET A 39 -6.85 3.36 18.81
N ALA A 40 -7.38 3.46 17.59
CA ALA A 40 -6.59 3.23 16.39
C ALA A 40 -5.87 4.49 15.89
N GLU A 41 -6.51 5.63 16.07
CA GLU A 41 -6.03 6.92 15.56
C GLU A 41 -4.58 7.27 15.91
N PRO A 42 -4.16 6.99 17.14
CA PRO A 42 -2.76 7.34 17.42
C PRO A 42 -1.74 6.56 16.58
N TYR A 43 -2.15 5.52 15.87
CA TYR A 43 -1.22 4.75 15.03
C TYR A 43 -1.23 5.18 13.56
N GLY A 44 -2.23 5.97 13.18
CA GLY A 44 -2.38 6.40 11.80
C GLY A 44 -3.04 5.39 10.89
N ILE A 45 -2.88 4.11 11.21
CA ILE A 45 -3.36 3.06 10.32
C ILE A 45 -3.83 1.89 11.16
N CYS A 46 -4.77 1.10 10.66
CA CYS A 46 -5.14 -0.12 11.34
C CYS A 46 -5.75 -1.11 10.38
N ARG A 47 -5.75 -2.36 10.81
CA ARG A 47 -6.23 -3.45 10.03
C ARG A 47 -7.52 -3.99 10.63
N ILE A 48 -8.51 -4.24 9.77
CA ILE A 48 -9.80 -4.74 10.22
C ILE A 48 -10.09 -6.06 9.53
N VAL A 49 -10.20 -7.12 10.32
CA VAL A 49 -10.53 -8.45 9.83
C VAL A 49 -12.03 -8.68 10.00
N PRO A 50 -12.76 -8.90 8.89
CA PRO A 50 -14.22 -9.12 8.92
C PRO A 50 -14.59 -10.43 9.62
N PRO A 51 -15.78 -10.48 10.23
CA PRO A 51 -16.33 -11.70 10.84
C PRO A 51 -16.75 -12.75 9.80
N SER A 52 -16.98 -13.98 10.26
CA SER A 52 -17.30 -15.12 9.40
C SER A 52 -18.50 -14.88 8.52
N SER A 53 -19.50 -14.19 9.08
CA SER A 53 -20.67 -13.80 8.32
C SER A 53 -20.26 -13.27 6.95
N TRP A 54 -19.41 -12.25 6.97
CA TRP A 54 -19.08 -11.49 5.78
C TRP A 54 -18.49 -12.36 4.68
N LYS A 55 -18.92 -12.11 3.44
CA LYS A 55 -18.54 -12.96 2.34
C LYS A 55 -19.07 -12.42 1.01
N PRO A 56 -18.21 -11.74 0.24
CA PRO A 56 -18.57 -11.23 -1.08
C PRO A 56 -18.11 -12.17 -2.18
N ASP A 62 -15.15 -14.24 -12.45
CA ASP A 62 -15.96 -13.98 -13.63
C ASP A 62 -15.10 -13.93 -14.89
N LYS A 63 -15.32 -14.91 -15.77
CA LYS A 63 -14.51 -15.09 -16.99
C LYS A 63 -14.41 -13.86 -17.90
N SER A 64 -15.54 -13.21 -18.14
CA SER A 64 -15.55 -12.09 -19.07
C SER A 64 -14.67 -10.95 -18.56
N ILE A 65 -14.59 -10.80 -17.25
CA ILE A 65 -13.75 -9.76 -16.64
C ILE A 65 -12.31 -10.23 -16.52
N TRP A 66 -12.12 -11.39 -15.89
CA TRP A 66 -10.80 -11.97 -15.69
C TRP A 66 -10.00 -11.97 -16.99
N GLU A 67 -10.63 -12.45 -18.06
CA GLU A 67 -9.97 -12.58 -19.35
C GLU A 67 -10.26 -11.41 -20.31
N GLY A 68 -11.32 -10.65 -20.05
CA GLY A 68 -11.78 -9.69 -21.02
C GLY A 68 -11.46 -8.23 -20.78
N SER A 69 -11.60 -7.77 -19.54
CA SER A 69 -11.44 -6.34 -19.24
C SER A 69 -9.97 -5.91 -19.16
N LYS A 70 -9.58 -5.04 -20.08
CA LYS A 70 -8.22 -4.53 -20.14
C LYS A 70 -7.99 -3.37 -19.18
N PHE A 71 -6.75 -3.24 -18.70
CA PHE A 71 -6.33 -2.08 -17.90
C PHE A 71 -4.88 -1.77 -18.23
N SER A 72 -4.49 -0.52 -18.01
CA SER A 72 -3.11 -0.15 -18.26
C SER A 72 -2.26 -0.07 -16.97
N THR A 73 -0.95 -0.06 -17.16
CA THR A 73 -0.03 -0.13 -16.04
C THR A 73 1.03 0.95 -16.14
N ARG A 74 1.81 1.06 -15.08
CA ARG A 74 2.97 1.91 -15.06
C ARG A 74 4.17 1.11 -14.59
N VAL A 75 5.36 1.57 -14.96
CA VAL A 75 6.59 0.87 -14.68
C VAL A 75 7.32 1.53 -13.50
N GLN A 76 7.74 0.71 -12.55
CA GLN A 76 8.46 1.17 -11.38
C GLN A 76 9.87 0.60 -11.33
N LYS A 77 10.86 1.47 -11.21
CA LYS A 77 12.24 1.04 -10.94
C LYS A 77 12.48 1.04 -9.43
N VAL A 78 12.31 -0.14 -8.84
CA VAL A 78 12.36 -0.31 -7.38
C VAL A 78 13.70 0.17 -6.80
N ASP A 79 14.78 -0.04 -7.53
CA ASP A 79 16.11 0.38 -7.09
C ASP A 79 16.28 1.90 -7.01
N LYS A 80 15.37 2.65 -7.64
CA LYS A 80 15.47 4.11 -7.70
C LYS A 80 14.48 4.88 -6.81
N LEU A 81 13.66 4.17 -6.04
CA LEU A 81 12.55 4.80 -5.32
C LEU A 81 12.96 5.75 -4.21
N GLN A 82 14.14 5.51 -3.62
CA GLN A 82 14.64 6.37 -2.56
C GLN A 82 15.96 7.02 -3.01
N ASN A 83 16.89 6.22 -3.52
CA ASN A 83 18.19 6.71 -3.92
C ASN A 83 18.25 6.92 -5.43
N ARG A 84 18.34 8.19 -5.84
CA ARG A 84 18.47 8.53 -7.25
C ARG A 84 19.11 9.91 -7.42
N LYS A 85 19.91 10.06 -8.49
CA LYS A 85 20.69 11.28 -8.70
C LYS A 85 19.88 12.38 -9.40
N PHE A 124 9.87 11.84 -15.07
CA PHE A 124 10.47 11.97 -13.75
C PHE A 124 9.71 11.13 -12.71
N GLY A 125 9.23 9.97 -13.14
CA GLY A 125 8.45 9.09 -12.29
C GLY A 125 8.13 7.75 -12.91
N PHE A 126 6.85 7.42 -12.97
CA PHE A 126 6.43 6.11 -13.43
C PHE A 126 5.89 6.15 -14.87
N GLU A 127 6.73 5.71 -15.80
CA GLU A 127 6.40 5.63 -17.21
C GLU A 127 5.28 4.62 -17.45
N PRO A 128 4.56 4.79 -18.57
CA PRO A 128 3.48 3.86 -18.89
C PRO A 128 4.00 2.46 -19.23
N GLY A 129 3.20 1.45 -18.91
CA GLY A 129 3.56 0.09 -19.24
C GLY A 129 2.55 -0.51 -20.19
N PRO A 130 2.70 -1.81 -20.49
CA PRO A 130 1.76 -2.46 -21.40
C PRO A 130 0.36 -2.49 -20.81
N GLU A 131 -0.62 -2.68 -21.69
CA GLU A 131 -1.98 -3.01 -21.28
C GLU A 131 -2.10 -4.50 -20.99
N PHE A 132 -2.95 -4.83 -20.01
CA PHE A 132 -3.12 -6.20 -19.56
C PHE A 132 -4.56 -6.54 -19.24
N THR A 133 -4.82 -7.83 -19.08
CA THR A 133 -6.00 -8.31 -18.38
C THR A 133 -5.54 -8.95 -17.07
N LEU A 134 -6.45 -9.14 -16.14
CA LEU A 134 -6.11 -9.82 -14.89
C LEU A 134 -5.37 -11.14 -15.16
N GLN A 135 -5.89 -11.90 -16.13
CA GLN A 135 -5.29 -13.17 -16.50
C GLN A 135 -3.82 -13.06 -16.93
N THR A 136 -3.56 -12.17 -17.90
CA THR A 136 -2.20 -12.02 -18.41
C THR A 136 -1.30 -11.32 -17.40
N PHE A 137 -1.83 -10.33 -16.69
CA PHE A 137 -1.06 -9.69 -15.61
C PHE A 137 -0.60 -10.72 -14.56
N GLN A 138 -1.51 -11.60 -14.14
CA GLN A 138 -1.16 -12.62 -13.16
C GLN A 138 -0.03 -13.53 -13.64
N LYS A 139 -0.07 -13.91 -14.90
CA LYS A 139 0.96 -14.80 -15.43
C LYS A 139 2.30 -14.08 -15.51
N TYR A 140 2.28 -12.81 -15.92
CA TYR A 140 3.48 -12.01 -15.93
C TYR A 140 4.04 -11.89 -14.49
N ALA A 141 3.15 -11.57 -13.56
CA ALA A 141 3.49 -11.36 -12.16
C ALA A 141 4.08 -12.63 -11.52
N ASP A 142 3.43 -13.77 -11.78
CA ASP A 142 3.85 -15.04 -11.18
C ASP A 142 5.21 -15.50 -11.69
N ASP A 143 5.47 -15.31 -12.97
CA ASP A 143 6.74 -15.68 -13.54
C ASP A 143 7.88 -14.80 -13.01
N PHE A 144 7.60 -13.53 -12.82
CA PHE A 144 8.61 -12.65 -12.26
C PHE A 144 9.08 -13.14 -10.88
N SER A 145 8.15 -13.43 -9.99
CA SER A 145 8.49 -13.87 -8.63
C SER A 145 9.18 -15.22 -8.65
N LYS A 146 8.69 -16.12 -9.49
CA LYS A 146 9.23 -17.47 -9.56
C LYS A 146 10.72 -17.41 -9.88
N GLN A 147 11.08 -16.51 -10.79
CA GLN A 147 12.45 -16.38 -11.23
C GLN A 147 13.32 -15.56 -10.27
N TYR A 148 12.76 -14.49 -9.74
CA TYR A 148 13.49 -13.67 -8.78
C TYR A 148 13.97 -14.50 -7.57
N PHE A 149 13.16 -15.47 -7.14
CA PHE A 149 13.37 -16.13 -5.84
C PHE A 149 13.92 -17.56 -5.87
N VAL A 158 9.44 -20.98 -2.09
CA VAL A 158 8.41 -19.95 -1.87
C VAL A 158 8.77 -19.12 -0.63
N PRO A 159 9.08 -17.83 -0.83
CA PRO A 159 9.46 -17.00 0.32
C PRO A 159 8.27 -16.58 1.21
N SER A 160 8.56 -16.40 2.49
CA SER A 160 7.59 -15.83 3.43
C SER A 160 7.49 -14.30 3.25
N VAL A 161 6.43 -13.70 3.80
CA VAL A 161 6.27 -12.26 3.83
C VAL A 161 7.51 -11.53 4.35
N GLU A 162 8.09 -12.03 5.43
CA GLU A 162 9.29 -11.41 6.01
C GLU A 162 10.53 -11.55 5.11
N ASP A 163 10.69 -12.70 4.48
CA ASP A 163 11.67 -12.85 3.39
C ASP A 163 11.51 -11.74 2.33
N ILE A 164 10.30 -11.58 1.81
CA ILE A 164 10.07 -10.65 0.73
C ILE A 164 10.28 -9.20 1.18
N GLU A 165 9.86 -8.90 2.41
CA GLU A 165 9.96 -7.56 2.96
C GLU A 165 11.42 -7.14 3.18
N GLY A 166 12.22 -8.08 3.66
CA GLY A 166 13.64 -7.86 3.87
C GLY A 166 14.34 -7.63 2.54
N GLU A 167 13.93 -8.36 1.51
CA GLU A 167 14.48 -8.18 0.17
C GLU A 167 14.04 -6.85 -0.48
N TYR A 168 12.78 -6.51 -0.31
CA TYR A 168 12.25 -5.27 -0.85
C TYR A 168 13.07 -4.06 -0.36
N TRP A 169 13.30 -4.00 0.94
CA TRP A 169 14.02 -2.88 1.52
C TRP A 169 15.52 -2.96 1.17
N ARG A 170 16.04 -4.17 0.94
CA ARG A 170 17.40 -4.27 0.43
C ARG A 170 17.49 -3.58 -0.95
N ILE A 171 16.50 -3.85 -1.80
CA ILE A 171 16.48 -3.26 -3.15
C ILE A 171 16.33 -1.75 -3.10
N VAL A 172 15.49 -1.25 -2.20
CA VAL A 172 15.37 0.20 -2.11
C VAL A 172 16.50 0.95 -1.37
N GLU A 173 17.10 0.36 -0.34
CA GLU A 173 18.18 1.03 0.39
C GLU A 173 19.59 0.76 -0.18
N VAL A 174 19.83 -0.46 -0.63
CA VAL A 174 21.19 -0.85 -1.04
C VAL A 174 21.19 -1.70 -2.30
N PRO A 175 20.61 -1.19 -3.40
CA PRO A 175 20.42 -2.01 -4.60
C PRO A 175 21.72 -2.49 -5.26
N THR A 176 21.65 -3.68 -5.84
CA THR A 176 22.79 -4.25 -6.54
C THR A 176 22.48 -4.45 -8.04
N GLU A 177 21.24 -4.16 -8.44
CA GLU A 177 20.79 -4.30 -9.83
C GLU A 177 19.54 -3.46 -10.08
N GLU A 178 19.31 -3.07 -11.33
CA GLU A 178 18.02 -2.49 -11.68
C GLU A 178 16.95 -3.56 -11.58
N ILE A 179 15.89 -3.25 -10.84
CA ILE A 179 14.72 -4.12 -10.79
C ILE A 179 13.54 -3.28 -11.24
N GLU A 180 12.86 -3.70 -12.29
CA GLU A 180 11.65 -2.97 -12.64
C GLU A 180 10.41 -3.86 -12.61
N VAL A 181 9.30 -3.21 -12.31
CA VAL A 181 8.10 -3.91 -11.89
C VAL A 181 6.91 -3.12 -12.43
N ILE A 182 5.74 -3.73 -12.44
CA ILE A 182 4.58 -3.13 -13.09
C ILE A 182 3.37 -3.13 -12.18
N TYR A 183 2.57 -2.08 -12.23
CA TYR A 183 1.36 -2.09 -11.42
C TYR A 183 0.23 -1.39 -12.13
N GLY A 184 -0.99 -1.81 -11.81
CA GLY A 184 -2.18 -1.17 -12.29
C GLY A 184 -2.75 -0.38 -11.15
N ALA A 185 -2.74 0.94 -11.28
CA ALA A 185 -3.27 1.77 -10.22
C ALA A 185 -4.26 2.75 -10.81
N ASP A 186 -5.09 3.31 -9.96
CA ASP A 186 -5.99 4.38 -10.39
C ASP A 186 -7.06 3.90 -11.34
N LEU A 187 -7.18 2.59 -11.51
CA LEU A 187 -8.19 2.07 -12.40
C LEU A 187 -9.55 2.47 -11.84
N GLU A 188 -10.34 3.15 -12.66
CA GLU A 188 -11.69 3.54 -12.28
C GLU A 188 -12.63 2.36 -12.43
N THR A 189 -13.34 2.03 -11.35
CA THR A 189 -14.29 0.91 -11.39
C THR A 189 -15.32 1.14 -12.49
N GLY A 190 -15.49 0.14 -13.36
CA GLY A 190 -14.73 -1.09 -13.28
C GLY A 190 -14.41 -1.69 -14.64
N ALA A 212 -24.22 -5.20 3.06
CA ALA A 212 -24.43 -5.73 1.72
C ALA A 212 -24.75 -4.74 0.56
N GLN A 213 -25.46 -3.62 0.75
CA GLN A 213 -26.00 -3.05 2.00
C GLN A 213 -25.23 -2.51 3.22
N SER A 214 -23.97 -2.67 3.33
CA SER A 214 -23.17 -2.13 4.42
C SER A 214 -22.17 -1.28 3.62
N GLY A 215 -21.48 -0.40 4.34
CA GLY A 215 -20.46 0.43 3.73
C GLY A 215 -19.16 -0.32 3.49
N TRP A 216 -19.17 -1.62 3.78
CA TRP A 216 -17.98 -2.45 3.60
C TRP A 216 -17.88 -2.80 2.13
N ASN A 217 -19.03 -2.77 1.45
CA ASN A 217 -19.03 -2.71 0.01
C ASN A 217 -18.71 -1.27 -0.33
N LEU A 218 -17.49 -1.04 -0.79
CA LEU A 218 -16.95 0.30 -0.91
C LEU A 218 -17.73 1.20 -1.87
N ASN A 219 -18.45 0.60 -2.80
CA ASN A 219 -19.29 1.37 -3.72
C ASN A 219 -20.43 2.12 -3.03
N ASN A 220 -20.68 1.79 -1.77
CA ASN A 220 -21.82 2.34 -1.02
C ASN A 220 -21.46 3.41 0.00
N LEU A 221 -20.18 3.60 0.26
CA LEU A 221 -19.74 4.55 1.28
C LEU A 221 -19.94 6.02 0.92
N PRO A 222 -19.51 6.42 -0.30
CA PRO A 222 -19.79 7.79 -0.76
C PRO A 222 -21.24 8.22 -0.47
N ARG A 223 -22.17 7.27 -0.56
CA ARG A 223 -23.57 7.52 -0.23
C ARG A 223 -23.71 7.97 1.22
N LEU A 224 -23.73 6.99 2.12
CA LEU A 224 -23.83 7.22 3.55
C LEU A 224 -22.79 8.22 4.04
N LEU A 240 -16.50 11.36 -4.69
CA LEU A 240 -15.72 10.26 -4.14
C LEU A 240 -16.17 8.92 -4.72
N VAL A 241 -15.27 8.30 -5.47
CA VAL A 241 -15.56 7.02 -6.10
C VAL A 241 -14.45 6.03 -5.70
N PRO A 242 -14.79 4.73 -5.64
CA PRO A 242 -13.83 3.66 -5.34
C PRO A 242 -12.76 3.55 -6.43
N TRP A 243 -11.55 3.19 -6.03
CA TRP A 243 -10.47 3.01 -6.98
C TRP A 243 -9.86 1.62 -6.89
N VAL A 244 -9.36 1.12 -8.02
CA VAL A 244 -8.82 -0.24 -8.08
C VAL A 244 -7.29 -0.31 -8.21
N TYR A 245 -6.69 -1.22 -7.45
CA TYR A 245 -5.23 -1.41 -7.49
C TYR A 245 -4.84 -2.86 -7.78
N VAL A 246 -4.05 -3.04 -8.82
CA VAL A 246 -3.52 -4.36 -9.19
C VAL A 246 -2.03 -4.35 -8.98
N GLY A 247 -1.55 -5.25 -8.13
CA GLY A 247 -0.17 -5.24 -7.71
C GLY A 247 0.55 -6.53 -8.04
N MET A 248 1.87 -6.47 -7.99
CA MET A 248 2.67 -7.69 -8.09
C MET A 248 3.80 -7.55 -7.11
N CYS A 249 4.59 -8.60 -6.94
CA CYS A 249 5.73 -8.55 -6.03
C CYS A 249 6.61 -7.31 -6.24
N PHE A 250 6.82 -6.57 -5.14
CA PHE A 250 7.67 -5.37 -5.09
C PHE A 250 7.01 -4.10 -5.66
N SER A 251 5.85 -4.20 -6.29
CA SER A 251 5.20 -2.96 -6.69
C SER A 251 4.77 -2.16 -5.44
N SER A 252 4.84 -0.84 -5.53
CA SER A 252 4.83 0.01 -4.35
C SER A 252 3.83 1.15 -4.45
N PHE A 253 3.43 1.63 -3.29
CA PHE A 253 2.77 2.92 -3.18
C PHE A 253 3.59 3.74 -2.21
N CYS A 254 4.23 4.77 -2.74
CA CYS A 254 5.15 5.62 -1.99
C CYS A 254 4.43 6.53 -1.01
N TRP A 255 5.15 7.00 -0.02
CA TRP A 255 4.59 7.82 1.06
C TRP A 255 3.64 8.95 0.61
N HIS A 256 2.44 8.98 1.18
CA HIS A 256 1.51 10.07 0.90
C HIS A 256 0.42 10.16 1.96
N VAL A 257 -0.19 11.35 2.05
CA VAL A 257 -1.42 11.58 2.82
C VAL A 257 -2.60 11.72 1.85
N GLU A 258 -3.79 11.31 2.29
CA GLU A 258 -4.99 11.44 1.47
C GLU A 258 -5.38 12.92 1.32
N ASP A 259 -6.03 13.25 0.22
CA ASP A 259 -6.51 14.63 0.02
C ASP A 259 -7.60 15.00 1.04
N HIS A 260 -7.51 16.22 1.56
CA HIS A 260 -8.58 16.82 2.38
C HIS A 260 -8.79 16.12 3.71
N HIS A 261 -7.71 15.61 4.29
CA HIS A 261 -7.76 14.94 5.59
C HIS A 261 -8.85 13.88 5.61
N LEU A 262 -9.01 13.18 4.50
CA LEU A 262 -9.99 12.12 4.42
C LEU A 262 -9.40 10.82 4.98
N TYR A 263 -10.28 9.93 5.43
CA TYR A 263 -9.88 8.57 5.74
C TYR A 263 -9.67 7.86 4.42
N SER A 264 -8.96 6.75 4.47
CA SER A 264 -8.94 5.81 3.35
C SER A 264 -9.31 4.44 3.90
N LEU A 265 -10.24 3.78 3.22
CA LEU A 265 -10.59 2.40 3.51
C LEU A 265 -10.22 1.52 2.30
N ASN A 266 -9.41 0.49 2.55
CA ASN A 266 -8.88 -0.38 1.49
C ASN A 266 -9.26 -1.83 1.76
N TYR A 267 -9.82 -2.48 0.75
CA TYR A 267 -10.18 -3.88 0.85
C TYR A 267 -9.39 -4.68 -0.15
N MET A 268 -8.84 -5.82 0.27
CA MET A 268 -8.13 -6.67 -0.68
C MET A 268 -9.04 -7.78 -1.15
N HIS A 269 -9.35 -7.79 -2.45
CA HIS A 269 -10.31 -8.75 -3.00
C HIS A 269 -9.71 -10.15 -3.07
N TRP A 270 -8.47 -10.25 -3.52
CA TRP A 270 -7.78 -11.54 -3.54
C TRP A 270 -6.31 -11.36 -3.88
N GLY A 271 -5.53 -12.41 -3.68
CA GLY A 271 -4.13 -12.40 -4.03
C GLY A 271 -3.18 -12.38 -2.85
N ALA A 272 -1.94 -11.95 -3.13
CA ALA A 272 -0.88 -11.98 -2.15
C ALA A 272 -0.98 -10.80 -1.19
N PRO A 273 -0.33 -10.94 -0.01
CA PRO A 273 -0.33 -9.91 1.03
C PRO A 273 0.26 -8.58 0.57
N LYS A 274 -0.27 -7.51 1.14
CA LYS A 274 0.25 -6.17 0.97
C LYS A 274 0.80 -5.65 2.31
N LEU A 275 2.01 -5.14 2.29
CA LEU A 275 2.68 -4.58 3.45
C LEU A 275 2.32 -3.11 3.55
N TRP A 276 1.90 -2.69 4.73
CA TRP A 276 1.53 -1.29 4.95
C TRP A 276 2.41 -0.70 6.03
N TYR A 277 2.85 0.52 5.82
CA TYR A 277 3.55 1.27 6.87
C TYR A 277 2.82 2.58 7.11
N GLY A 278 2.47 2.82 8.36
CA GLY A 278 1.68 3.99 8.70
C GLY A 278 2.34 4.89 9.73
N VAL A 279 2.19 6.20 9.51
CA VAL A 279 2.63 7.21 10.45
C VAL A 279 1.41 8.07 10.83
N PRO A 280 1.18 8.27 12.14
CA PRO A 280 0.09 9.11 12.66
C PRO A 280 0.20 10.58 12.24
N GLY A 281 -0.95 11.23 12.05
CA GLY A 281 -1.02 12.64 11.72
C GLY A 281 -0.09 13.54 12.52
N LYS A 282 -0.06 13.37 13.84
CA LYS A 282 0.76 14.21 14.71
C LYS A 282 2.25 14.07 14.43
N ASP A 283 2.62 13.04 13.70
CA ASP A 283 4.01 12.81 13.31
C ASP A 283 4.31 13.23 11.87
N ALA A 284 3.31 13.76 11.16
CA ALA A 284 3.51 14.16 9.76
C ALA A 284 4.70 15.11 9.57
N VAL A 285 4.86 16.06 10.49
CA VAL A 285 5.92 17.06 10.39
C VAL A 285 7.30 16.42 10.57
N ASN A 286 7.39 15.47 11.49
CA ASN A 286 8.60 14.69 11.68
C ASN A 286 8.99 13.88 10.45
N LEU A 287 8.00 13.32 9.77
CA LEU A 287 8.22 12.50 8.57
C LEU A 287 8.76 13.33 7.41
N GLU A 288 8.05 14.41 7.09
CA GLU A 288 8.44 15.31 6.01
C GLU A 288 9.79 15.90 6.32
N SER A 289 10.01 16.23 7.57
CA SER A 289 11.24 16.86 7.95
C SER A 289 12.41 15.85 7.92
N ALA A 290 12.15 14.60 8.30
CA ALA A 290 13.14 13.55 8.14
C ALA A 290 13.52 13.35 6.66
N MET A 291 12.52 13.38 5.78
CA MET A 291 12.76 13.28 4.34
C MET A 291 13.55 14.47 3.73
N ARG A 292 13.22 15.70 4.12
CA ARG A 292 13.96 16.86 3.63
C ARG A 292 15.41 16.82 4.12
N LYS A 293 15.59 16.37 5.35
CA LYS A 293 16.92 16.26 5.92
C LYS A 293 17.81 15.25 5.18
N HIS A 294 17.27 14.10 4.81
CA HIS A 294 18.06 12.99 4.25
C HIS A 294 18.03 12.93 2.73
N LEU A 295 17.03 13.55 2.11
CA LEU A 295 16.97 13.57 0.65
C LEU A 295 16.94 14.99 0.13
N PRO A 296 17.90 15.83 0.58
CA PRO A 296 17.87 17.25 0.23
C PRO A 296 17.91 17.50 -1.28
N GLU A 297 18.85 16.86 -1.98
CA GLU A 297 18.99 17.06 -3.41
C GLU A 297 17.74 16.68 -4.22
N LEU A 298 16.94 15.76 -3.68
CA LEU A 298 15.70 15.38 -4.33
C LEU A 298 14.63 16.48 -4.24
N PHE A 299 14.59 17.17 -3.10
CA PHE A 299 13.62 18.25 -2.87
C PHE A 299 13.95 19.52 -3.64
N GLU A 300 15.24 19.70 -3.94
CA GLU A 300 15.70 20.84 -4.70
C GLU A 300 15.15 20.78 -6.13
N GLU A 301 15.31 19.62 -6.75
CA GLU A 301 14.85 19.43 -8.14
C GLU A 301 13.34 19.18 -8.24
N GLN A 302 12.73 18.78 -7.13
CA GLN A 302 11.29 18.53 -7.07
C GLN A 302 10.71 19.11 -5.77
N PRO A 303 10.59 20.45 -5.71
CA PRO A 303 10.10 21.11 -4.49
C PRO A 303 8.78 20.52 -3.98
N ASP A 304 8.02 19.86 -4.84
CA ASP A 304 6.73 19.30 -4.43
C ASP A 304 6.69 17.77 -4.42
N LEU A 305 7.84 17.14 -4.13
CA LEU A 305 7.93 15.69 -3.97
C LEU A 305 6.76 15.06 -3.21
N LEU A 306 6.45 15.61 -2.04
CA LEU A 306 5.53 14.96 -1.12
C LEU A 306 4.12 14.72 -1.69
N HIS A 307 3.83 15.40 -2.79
CA HIS A 307 2.55 15.30 -3.49
C HIS A 307 2.61 14.36 -4.69
N ASN A 308 3.83 14.01 -5.10
CA ASN A 308 4.04 13.28 -6.35
C ASN A 308 3.85 11.76 -6.30
N LEU A 309 3.90 11.17 -5.11
CA LEU A 309 3.80 9.71 -4.95
C LEU A 309 4.88 8.93 -5.70
N VAL A 310 6.12 9.40 -5.62
CA VAL A 310 7.18 8.89 -6.46
C VAL A 310 8.44 8.55 -5.64
N THR A 311 8.34 8.76 -4.33
CA THR A 311 9.50 8.60 -3.46
C THR A 311 9.19 7.69 -2.26
N GLN A 312 9.90 6.56 -2.20
CA GLN A 312 9.83 5.67 -1.06
C GLN A 312 10.94 6.09 -0.10
N PHE A 313 10.77 5.79 1.18
CA PHE A 313 11.70 6.25 2.19
C PHE A 313 11.66 5.23 3.31
N SER A 314 12.82 4.71 3.68
CA SER A 314 12.85 3.59 4.62
C SER A 314 12.31 3.91 6.02
N PRO A 315 11.46 3.01 6.54
CA PRO A 315 11.00 3.08 7.94
C PRO A 315 12.14 3.08 8.96
N SER A 316 13.22 2.38 8.65
CA SER A 316 14.41 2.37 9.52
C SER A 316 15.05 3.75 9.62
N LEU A 317 15.12 4.45 8.50
CA LEU A 317 15.59 5.84 8.50
C LEU A 317 14.63 6.72 9.30
N LEU A 318 13.34 6.51 9.11
CA LEU A 318 12.33 7.28 9.84
C LEU A 318 12.46 7.05 11.33
N LYS A 319 12.51 5.78 11.69
CA LYS A 319 12.75 5.37 13.07
C LYS A 319 13.99 6.07 13.67
N SER A 320 15.08 6.16 12.91
CA SER A 320 16.29 6.79 13.48
C SER A 320 16.06 8.27 13.79
N GLU A 321 15.19 8.99 13.00
CA GLU A 321 14.79 10.37 13.27
C GLU A 321 13.68 10.52 14.32
N GLY A 322 13.32 9.44 15.12
CA GLY A 322 12.32 9.52 16.17
C GLY A 322 10.89 9.51 15.63
N VAL A 323 10.70 9.13 14.36
CA VAL A 323 9.35 9.01 13.81
C VAL A 323 8.74 7.63 14.11
N HIS A 324 7.48 7.64 14.54
CA HIS A 324 6.71 6.44 14.84
C HIS A 324 6.17 5.81 13.56
N VAL A 325 6.69 4.66 13.18
CA VAL A 325 6.19 3.93 12.03
C VAL A 325 5.61 2.58 12.47
N TYR A 326 4.37 2.32 12.07
CA TYR A 326 3.68 1.08 12.40
C TYR A 326 3.42 0.24 11.17
N ARG A 327 3.58 -1.07 11.34
CA ARG A 327 3.46 -2.02 10.24
C ARG A 327 2.15 -2.75 10.32
N CYS A 328 1.55 -3.02 9.18
CA CYS A 328 0.63 -4.13 9.16
C CYS A 328 0.62 -4.89 7.85
N VAL A 329 0.25 -6.17 7.95
CA VAL A 329 0.27 -7.04 6.81
C VAL A 329 -1.19 -7.28 6.44
N GLN A 330 -1.54 -6.96 5.22
CA GLN A 330 -2.94 -7.13 4.80
C GLN A 330 -3.07 -8.38 3.96
N HIS A 331 -3.96 -9.28 4.38
CA HIS A 331 -4.22 -10.47 3.60
C HIS A 331 -5.53 -10.26 2.87
N GLU A 332 -5.79 -11.14 1.90
CA GLU A 332 -7.01 -11.01 1.15
C GLU A 332 -8.19 -11.21 2.10
N GLY A 333 -9.29 -10.51 1.81
CA GLY A 333 -10.44 -10.57 2.68
C GLY A 333 -10.38 -9.60 3.86
N GLU A 334 -9.34 -8.77 3.89
CA GLU A 334 -9.11 -7.86 5.02
C GLU A 334 -9.08 -6.38 4.61
N PHE A 335 -9.50 -5.51 5.51
CA PHE A 335 -9.45 -4.07 5.30
C PHE A 335 -8.25 -3.47 6.02
N VAL A 336 -7.74 -2.38 5.46
CA VAL A 336 -6.81 -1.51 6.17
C VAL A 336 -7.49 -0.15 6.19
N LEU A 337 -7.44 0.51 7.34
CA LEU A 337 -8.05 1.82 7.47
C LEU A 337 -6.99 2.85 7.84
N THR A 338 -6.97 3.96 7.10
CA THR A 338 -6.02 5.04 7.34
C THR A 338 -6.76 6.28 7.84
N PHE A 339 -6.16 6.96 8.80
CA PHE A 339 -6.84 8.05 9.48
C PHE A 339 -6.43 9.38 8.87
N PRO A 340 -7.31 10.38 8.97
CA PRO A 340 -7.08 11.73 8.43
C PRO A 340 -5.68 12.23 8.76
N ARG A 341 -4.97 12.72 7.76
CA ARG A 341 -3.63 13.31 7.93
C ARG A 341 -2.53 12.28 8.20
N ALA A 342 -2.88 11.01 8.24
CA ALA A 342 -1.85 9.97 8.42
C ALA A 342 -1.10 9.69 7.11
N TYR A 343 0.22 9.55 7.21
CA TYR A 343 1.02 9.11 6.08
C TYR A 343 1.01 7.58 5.97
N HIS A 344 0.85 7.05 4.75
CA HIS A 344 1.12 5.63 4.55
C HIS A 344 1.88 5.32 3.26
N ALA A 345 2.50 4.14 3.25
CA ALA A 345 3.27 3.64 2.13
C ALA A 345 3.27 2.13 2.27
N GLY A 346 3.70 1.43 1.22
CA GLY A 346 3.76 -0.02 1.23
C GLY A 346 4.15 -0.64 -0.10
N PHE A 347 4.05 -1.96 -0.17
CA PHE A 347 4.32 -2.70 -1.40
C PHE A 347 3.63 -4.03 -1.34
N ASN A 348 3.68 -4.75 -2.46
CA ASN A 348 3.00 -6.05 -2.57
C ASN A 348 3.96 -7.23 -2.59
N CYS A 349 3.46 -8.37 -2.10
CA CYS A 349 4.25 -9.59 -2.01
C CYS A 349 3.99 -10.52 -3.19
N GLY A 350 3.16 -10.07 -4.11
CA GLY A 350 2.78 -10.90 -5.24
C GLY A 350 1.54 -10.31 -5.86
N PHE A 351 0.99 -11.04 -6.83
CA PHE A 351 -0.18 -10.60 -7.55
C PHE A 351 -1.37 -10.51 -6.62
N ASN A 352 -2.00 -9.34 -6.62
CA ASN A 352 -3.21 -9.12 -5.86
C ASN A 352 -4.09 -8.02 -6.47
N CYS A 353 -5.32 -7.94 -5.98
CA CYS A 353 -6.29 -6.98 -6.44
C CYS A 353 -7.02 -6.33 -5.28
N ALA A 354 -7.01 -5.00 -5.26
CA ALA A 354 -7.59 -4.28 -4.15
C ALA A 354 -8.41 -3.11 -4.63
N GLU A 355 -9.29 -2.65 -3.76
CA GLU A 355 -10.15 -1.52 -4.04
C GLU A 355 -10.18 -0.65 -2.78
N ALA A 356 -10.08 0.66 -2.97
CA ALA A 356 -10.09 1.60 -1.85
C ALA A 356 -10.96 2.82 -2.14
N VAL A 357 -11.51 3.44 -1.13
CA VAL A 357 -12.19 4.68 -1.31
C VAL A 357 -11.88 5.63 -0.19
N ASN A 358 -12.04 6.93 -0.43
CA ASN A 358 -11.89 7.96 0.58
C ASN A 358 -13.21 8.20 1.27
N VAL A 359 -13.17 8.39 2.59
CA VAL A 359 -14.37 8.63 3.36
C VAL A 359 -14.16 9.82 4.30
N ALA A 360 -15.23 10.60 4.51
CA ALA A 360 -15.17 11.76 5.38
C ALA A 360 -15.66 11.42 6.78
N THR B 1 -6.23 8.11 -9.49
CA THR B 1 -7.24 7.88 -8.46
C THR B 1 -6.88 8.39 -7.07
N GLN B 3 -5.44 9.99 -4.19
CA GLN B 3 -4.79 11.24 -4.37
C GLN B 3 -4.44 11.69 -5.79
#